data_4PU6
#
_entry.id   4PU6
#
_cell.length_a   56.938
_cell.length_b   102.672
_cell.length_c   127.035
_cell.angle_alpha   90.00
_cell.angle_beta   90.00
_cell.angle_gamma   90.00
#
_symmetry.space_group_name_H-M   'P 21 21 21'
#
loop_
_entity.id
_entity.type
_entity.pdbx_description
1 polymer 'L-ASPARAGINASE ALPHA SUBUNIT'
2 polymer 'L-ASPARAGINASE BETA SUBUNIT'
3 non-polymer 'POTASSIUM ION'
4 non-polymer 'ASPARTIC ACID'
5 water water
#
loop_
_entity_poly.entity_id
_entity_poly.type
_entity_poly.pdbx_seq_one_letter_code
_entity_poly.pdbx_strand_id
1 'polypeptide(L)'
;GAMGGWAIAVHGGAGVDPTLPLERQEEAKQLLTRCLNLGISALNSNVPAIDVVELVVRELETDPLFNSGRGSALTEKGTV
EMEASIMDGPKRRCGAVSGLTTVKNPISLARLVMDKSPHSYIAFSGAEDFARQQGVEVVDNEYFVTPDNVGMLKLAKEAN
TILFDYRIPSSAYETCGSGVESPLQMNGLPISVYAPE
;
A,C
2 'polypeptide(L)'
;TVGCVVVDREGRCAAATSTGGLMNKMTGRIGDSPLIGAGTYACDVCGVSCTGEGEAIIRGTLAREVAAVMEYKGLKLHQA
VDFVIKHRLDEGKAGLIAVSNTGEVACGFNCNGMFRACATEDGFMEVAIWD
;
B,D
#
# COMPACT_ATOMS: atom_id res chain seq x y z
N GLY A 4 22.17 -3.63 22.71
CA GLY A 4 22.03 -2.18 22.85
C GLY A 4 22.82 -1.39 21.80
N GLY A 5 23.30 -2.12 20.79
CA GLY A 5 24.11 -1.51 19.73
C GLY A 5 23.39 -1.24 18.40
N TRP A 6 23.89 -0.26 17.64
CA TRP A 6 23.36 -0.02 16.30
C TRP A 6 23.58 -1.25 15.39
N ALA A 7 22.71 -1.35 14.39
CA ALA A 7 22.87 -2.27 13.28
C ALA A 7 22.31 -1.61 12.01
N ILE A 8 22.74 -2.13 10.85
CA ILE A 8 22.36 -1.55 9.57
C ILE A 8 22.47 -2.61 8.49
N ALA A 9 21.55 -2.58 7.53
CA ALA A 9 21.67 -3.37 6.31
C ALA A 9 21.30 -2.45 5.18
N VAL A 10 21.60 -2.91 3.98
CA VAL A 10 21.57 -2.11 2.79
C VAL A 10 21.36 -3.13 1.68
N HIS A 11 20.47 -2.88 0.73
CA HIS A 11 20.40 -3.83 -0.37
C HIS A 11 20.32 -3.15 -1.73
N GLY A 12 20.59 -3.90 -2.78
CA GLY A 12 20.53 -3.42 -4.14
C GLY A 12 19.70 -4.32 -5.03
N GLY A 13 18.67 -4.98 -4.46
CA GLY A 13 17.77 -5.79 -5.24
C GLY A 13 18.03 -7.29 -5.21
N ALA A 14 17.02 -8.08 -4.87
CA ALA A 14 17.05 -9.55 -5.05
C ALA A 14 16.81 -9.94 -6.50
N GLY A 15 17.44 -11.02 -6.93
CA GLY A 15 17.42 -11.34 -8.35
C GLY A 15 18.72 -10.84 -8.96
N VAL A 16 19.72 -11.71 -8.90
CA VAL A 16 21.02 -11.47 -9.45
C VAL A 16 21.14 -12.24 -10.77
N ASP A 17 21.72 -11.61 -11.79
CA ASP A 17 22.21 -12.35 -12.96
C ASP A 17 23.00 -13.58 -12.47
N PRO A 18 22.50 -14.80 -12.78
CA PRO A 18 23.04 -16.06 -12.24
C PRO A 18 24.47 -16.33 -12.70
N THR A 19 24.91 -15.52 -13.66
CA THR A 19 26.23 -15.60 -14.27
C THR A 19 27.02 -14.27 -14.18
N LEU A 20 26.62 -13.38 -13.27
CA LEU A 20 27.23 -12.05 -13.27
C LEU A 20 28.73 -12.11 -13.10
N PRO A 21 29.43 -11.38 -13.97
CA PRO A 21 30.90 -11.40 -13.93
C PRO A 21 31.42 -11.01 -12.54
N LEU A 22 32.61 -11.50 -12.18
CA LEU A 22 33.27 -11.08 -10.94
C LEU A 22 33.47 -9.57 -10.97
N GLU A 23 33.82 -9.06 -12.16
CA GLU A 23 33.99 -7.64 -12.40
C GLU A 23 32.78 -6.83 -11.91
N ARG A 24 31.61 -7.12 -12.46
CA ARG A 24 30.39 -6.49 -12.02
C ARG A 24 30.07 -6.79 -10.54
N GLN A 25 30.38 -7.99 -10.09
CA GLN A 25 30.22 -8.32 -8.67
C GLN A 25 31.10 -7.43 -7.79
N GLU A 26 32.34 -7.15 -8.20
CA GLU A 26 33.20 -6.29 -7.38
C GLU A 26 32.65 -4.88 -7.30
N GLU A 27 32.22 -4.34 -8.44
CA GLU A 27 31.62 -3.00 -8.45
C GLU A 27 30.48 -2.96 -7.46
N ALA A 28 29.66 -3.99 -7.50
CA ALA A 28 28.45 -4.04 -6.71
C ALA A 28 28.80 -4.02 -5.23
N LYS A 29 29.76 -4.87 -4.87
CA LYS A 29 30.19 -4.99 -3.48
C LYS A 29 30.87 -3.70 -3.02
N GLN A 30 31.53 -3.03 -3.94
CA GLN A 30 32.23 -1.82 -3.61
C GLN A 30 31.19 -0.73 -3.29
N LEU A 31 30.16 -0.67 -4.12
CA LEU A 31 29.09 0.30 -3.94
C LEU A 31 28.41 0.02 -2.60
N LEU A 32 28.16 -1.26 -2.34
CA LEU A 32 27.46 -1.69 -1.12
C LEU A 32 28.30 -1.29 0.08
N THR A 33 29.60 -1.51 -0.05
CA THR A 33 30.55 -1.14 0.98
C THR A 33 30.56 0.36 1.23
N ARG A 34 30.65 1.14 0.15
CA ARG A 34 30.68 2.60 0.27
C ARG A 34 29.41 3.10 1.00
N CYS A 35 28.25 2.59 0.60
CA CYS A 35 26.96 2.94 1.23
C CYS A 35 26.83 2.55 2.69
N LEU A 36 27.15 1.30 2.98
CA LEU A 36 27.19 0.85 4.37
C LEU A 36 28.16 1.74 5.16
N ASN A 37 29.29 2.10 4.58
CA ASN A 37 30.24 2.96 5.30
C ASN A 37 29.63 4.31 5.72
N LEU A 38 28.91 4.95 4.80
CA LEU A 38 28.24 6.22 5.10
C LEU A 38 27.29 6.01 6.27
N GLY A 39 26.62 4.85 6.23
CA GLY A 39 25.70 4.46 7.28
C GLY A 39 26.41 4.21 8.59
N ILE A 40 27.45 3.39 8.54
CA ILE A 40 28.25 3.08 9.73
C ILE A 40 28.80 4.35 10.38
N SER A 41 29.30 5.28 9.57
CA SER A 41 29.91 6.47 10.13
C SER A 41 28.84 7.35 10.78
N ALA A 42 27.72 7.50 10.08
CA ALA A 42 26.59 8.26 10.60
C ALA A 42 26.16 7.74 11.97
N LEU A 43 26.02 6.41 12.06
CA LEU A 43 25.63 5.74 13.31
C LEU A 43 26.67 5.88 14.45
N ASN A 44 27.97 5.85 14.13
CA ASN A 44 29.02 6.10 15.16
C ASN A 44 28.92 7.51 15.71
N SER A 45 28.51 8.46 14.85
CA SER A 45 28.32 9.87 15.22
C SER A 45 26.91 10.14 15.79
N ASN A 46 26.13 9.07 15.96
CA ASN A 46 24.84 9.17 16.66
C ASN A 46 23.72 9.86 15.90
N VAL A 47 23.77 9.74 14.59
CA VAL A 47 22.68 10.25 13.77
C VAL A 47 21.44 9.38 14.03
N PRO A 48 20.25 10.00 14.09
CA PRO A 48 19.06 9.14 14.26
C PRO A 48 18.91 8.21 13.07
N ALA A 49 18.30 7.04 13.29
CA ALA A 49 18.09 6.02 12.26
C ALA A 49 17.37 6.55 11.03
N ILE A 50 16.34 7.38 11.25
CA ILE A 50 15.53 7.88 10.12
C ILE A 50 16.38 8.75 9.18
N ASP A 51 17.33 9.50 9.74
CA ASP A 51 18.27 10.28 8.91
C ASP A 51 19.28 9.38 8.19
N VAL A 52 19.65 8.27 8.82
CA VAL A 52 20.66 7.38 8.21
C VAL A 52 20.09 6.67 6.99
N VAL A 53 18.90 6.09 7.12
CA VAL A 53 18.29 5.41 5.98
C VAL A 53 18.18 6.37 4.78
N GLU A 54 17.76 7.61 5.02
CA GLU A 54 17.66 8.53 3.91
C GLU A 54 19.00 8.79 3.25
N LEU A 55 20.04 9.04 4.04
CA LEU A 55 21.29 9.46 3.44
C LEU A 55 21.92 8.31 2.68
N VAL A 56 21.75 7.09 3.21
CA VAL A 56 22.27 5.93 2.52
C VAL A 56 21.53 5.62 1.21
N VAL A 57 20.22 5.81 1.19
CA VAL A 57 19.50 5.53 -0.06
C VAL A 57 19.76 6.60 -1.13
N ARG A 58 19.99 7.85 -0.73
CA ARG A 58 20.43 8.85 -1.72
C ARG A 58 21.68 8.36 -2.46
N GLU A 59 22.61 7.80 -1.74
CA GLU A 59 23.83 7.34 -2.42
C GLU A 59 23.46 6.20 -3.38
N LEU A 60 22.60 5.29 -2.93
CA LEU A 60 22.10 4.21 -3.78
C LEU A 60 21.29 4.72 -4.99
N GLU A 61 20.53 5.80 -4.80
CA GLU A 61 19.82 6.45 -5.93
C GLU A 61 20.78 7.15 -6.90
N THR A 62 21.77 7.88 -6.40
CA THR A 62 22.60 8.66 -7.30
C THR A 62 23.47 7.76 -8.21
N ASP A 63 23.95 6.65 -7.67
CA ASP A 63 24.96 5.84 -8.38
C ASP A 63 24.16 5.00 -9.38
N PRO A 64 24.62 4.89 -10.63
CA PRO A 64 23.79 4.34 -11.70
C PRO A 64 23.72 2.81 -11.71
N LEU A 65 24.48 2.16 -10.84
CA LEU A 65 24.56 0.70 -10.85
C LEU A 65 23.24 -0.02 -10.60
N PHE A 66 22.60 0.27 -9.47
CA PHE A 66 21.34 -0.39 -9.15
C PHE A 66 20.12 0.31 -9.75
N ASN A 67 18.98 -0.36 -9.64
CA ASN A 67 17.69 0.05 -10.22
C ASN A 67 16.92 1.00 -9.27
N SER A 68 17.28 2.28 -9.32
CA SER A 68 16.61 3.33 -8.55
C SER A 68 17.20 4.61 -9.11
N GLY A 69 16.59 5.77 -8.86
CA GLY A 69 17.17 7.01 -9.36
C GLY A 69 17.79 6.91 -10.76
N ARG A 70 18.98 7.49 -10.96
CA ARG A 70 19.70 7.30 -12.21
C ARG A 70 20.06 5.81 -12.24
N GLY A 71 19.73 5.17 -13.36
CA GLY A 71 19.93 3.74 -13.52
C GLY A 71 18.62 3.01 -13.31
N SER A 72 17.51 3.74 -13.22
CA SER A 72 16.21 3.07 -13.04
C SER A 72 15.84 2.19 -14.25
N ALA A 73 15.19 1.04 -13.99
CA ALA A 73 14.50 0.30 -15.05
C ALA A 73 13.57 1.24 -15.85
N LEU A 74 13.18 0.80 -17.05
CA LEU A 74 12.40 1.63 -17.97
C LEU A 74 10.98 1.07 -18.11
N THR A 75 9.98 1.93 -18.32
CA THR A 75 8.61 1.47 -18.54
C THR A 75 8.49 0.96 -19.96
N GLU A 76 7.30 0.50 -20.31
CA GLU A 76 7.07 -0.04 -21.65
C GLU A 76 7.34 1.06 -22.66
N LYS A 77 7.19 2.32 -22.23
CA LYS A 77 7.46 3.47 -23.11
C LYS A 77 8.94 3.86 -23.17
N GLY A 78 9.80 3.15 -22.43
CA GLY A 78 11.22 3.46 -22.48
C GLY A 78 11.57 4.76 -21.77
N THR A 79 10.78 5.11 -20.77
CA THR A 79 11.21 6.16 -19.85
C THR A 79 11.22 5.64 -18.41
N VAL A 80 11.33 6.56 -17.46
CA VAL A 80 11.62 6.22 -16.09
C VAL A 80 10.55 6.76 -15.21
N GLU A 81 9.97 5.90 -14.38
CA GLU A 81 9.01 6.36 -13.35
C GLU A 81 9.50 5.73 -12.07
N MET A 82 9.73 6.57 -11.08
CA MET A 82 10.44 6.17 -9.88
C MET A 82 9.52 6.27 -8.67
N GLU A 83 9.75 5.43 -7.65
CA GLU A 83 8.89 5.52 -6.47
C GLU A 83 9.70 5.14 -5.28
N ALA A 84 9.26 5.50 -4.08
CA ALA A 84 10.08 5.27 -2.90
C ALA A 84 9.22 5.39 -1.66
N SER A 85 9.65 4.78 -0.55
CA SER A 85 8.93 5.06 0.69
C SER A 85 9.89 4.95 1.83
N ILE A 86 9.47 5.48 2.97
CA ILE A 86 10.32 5.61 4.13
C ILE A 86 9.44 5.58 5.35
N MET A 87 9.93 4.97 6.42
CA MET A 87 9.17 4.87 7.64
C MET A 87 10.09 4.96 8.86
N ASP A 88 9.60 5.65 9.87
CA ASP A 88 10.32 5.83 11.10
C ASP A 88 9.61 5.06 12.19
N GLY A 89 10.25 3.99 12.68
CA GLY A 89 9.67 3.05 13.64
C GLY A 89 8.91 3.60 14.83
N PRO A 90 9.56 4.47 15.65
CA PRO A 90 8.99 4.88 16.94
C PRO A 90 7.54 5.43 16.97
N LYS A 91 7.11 6.23 16.01
CA LYS A 91 5.70 6.71 15.97
C LYS A 91 4.96 6.18 14.72
N ARG A 92 5.63 5.22 14.07
CA ARG A 92 5.24 4.69 12.78
C ARG A 92 4.85 5.79 11.80
N ARG A 93 5.76 6.74 11.59
CA ARG A 93 5.55 7.82 10.64
C ARG A 93 5.97 7.44 9.23
N CYS A 94 5.17 7.86 8.25
CA CYS A 94 5.23 7.39 6.86
C CYS A 94 5.33 8.49 5.84
N GLY A 95 6.03 8.19 4.75
CA GLY A 95 6.02 9.05 3.60
C GLY A 95 6.34 8.19 2.40
N ALA A 96 5.67 8.46 1.29
CA ALA A 96 5.81 7.69 0.07
C ALA A 96 5.53 8.56 -1.15
N VAL A 97 6.17 8.21 -2.27
CA VAL A 97 5.97 8.88 -3.55
C VAL A 97 5.99 7.83 -4.65
N SER A 98 5.20 8.04 -5.72
CA SER A 98 5.29 7.21 -6.92
C SER A 98 5.17 8.10 -8.13
N GLY A 99 5.42 7.56 -9.33
CA GLY A 99 5.26 8.32 -10.56
C GLY A 99 6.19 9.53 -10.67
N LEU A 100 7.41 9.46 -10.13
CA LEU A 100 8.36 10.59 -10.27
C LEU A 100 9.17 10.49 -11.58
N THR A 101 9.33 11.61 -12.27
CA THR A 101 9.98 11.62 -13.60
C THR A 101 11.16 12.62 -13.61
N THR A 102 11.14 13.58 -12.69
CA THR A 102 12.25 14.57 -12.66
C THR A 102 13.03 14.66 -11.34
N VAL A 103 12.42 14.18 -10.26
CA VAL A 103 13.04 14.30 -8.94
C VAL A 103 14.32 13.48 -8.84
N LYS A 104 15.41 14.16 -8.53
CA LYS A 104 16.75 13.57 -8.51
C LYS A 104 16.89 12.45 -7.44
N ASN A 105 16.29 12.65 -6.28
CA ASN A 105 16.38 11.66 -5.23
C ASN A 105 14.98 11.39 -4.67
N PRO A 106 14.31 10.36 -5.20
CA PRO A 106 12.96 10.04 -4.75
C PRO A 106 12.83 9.83 -3.25
N ILE A 107 13.81 9.18 -2.58
CA ILE A 107 13.64 8.92 -1.15
C ILE A 107 13.52 10.20 -0.31
N SER A 108 14.18 11.26 -0.78
CA SER A 108 14.16 12.50 -0.06
C SER A 108 12.81 13.16 -0.23
N LEU A 109 12.22 13.05 -1.41
CA LEU A 109 10.85 13.54 -1.54
C LEU A 109 9.91 12.76 -0.60
N ALA A 110 10.18 11.48 -0.42
CA ALA A 110 9.29 10.70 0.45
C ALA A 110 9.41 11.18 1.91
N ARG A 111 10.64 11.36 2.36
CA ARG A 111 10.92 11.97 3.66
C ARG A 111 10.13 13.28 3.80
N LEU A 112 10.14 14.09 2.74
CA LEU A 112 9.42 15.37 2.76
C LEU A 112 7.90 15.15 2.85
N VAL A 113 7.37 14.16 2.13
CA VAL A 113 5.95 13.85 2.30
C VAL A 113 5.65 13.62 3.79
N MET A 114 6.47 12.79 4.42
CA MET A 114 6.28 12.44 5.81
C MET A 114 6.36 13.66 6.74
N ASP A 115 7.35 14.51 6.53
CA ASP A 115 7.61 15.64 7.45
C ASP A 115 6.89 16.93 7.08
N LYS A 116 6.67 17.17 5.79
CA LYS A 116 6.27 18.52 5.38
C LYS A 116 4.99 18.51 4.57
N SER A 117 4.15 17.51 4.79
CA SER A 117 2.86 17.45 4.12
C SER A 117 1.88 16.80 5.07
N PRO A 118 0.58 17.12 4.90
CA PRO A 118 -0.43 16.49 5.75
C PRO A 118 -0.70 15.05 5.35
N HIS A 119 -0.09 14.60 4.25
CA HIS A 119 -0.33 13.24 3.74
C HIS A 119 0.85 12.25 3.88
N SER A 120 0.57 10.97 3.65
CA SER A 120 1.55 9.90 3.68
C SER A 120 2.05 9.55 2.28
N TYR A 121 1.34 10.00 1.26
CA TYR A 121 1.56 9.42 -0.06
C TYR A 121 1.03 10.34 -1.15
N ILE A 122 1.92 10.80 -2.02
CA ILE A 122 1.54 11.71 -3.10
C ILE A 122 2.22 11.19 -4.35
N ALA A 123 1.52 11.20 -5.49
CA ALA A 123 2.05 10.50 -6.66
C ALA A 123 1.89 11.24 -8.01
N PHE A 124 2.67 10.87 -9.04
CA PHE A 124 2.56 11.47 -10.37
C PHE A 124 2.61 13.01 -10.35
N SER A 125 1.81 13.69 -11.18
CA SER A 125 1.87 15.16 -11.25
C SER A 125 1.86 15.88 -9.92
N GLY A 126 0.96 15.48 -9.03
CA GLY A 126 0.88 16.12 -7.74
C GLY A 126 2.18 16.00 -6.97
N ALA A 127 2.91 14.90 -7.19
CA ALA A 127 4.17 14.71 -6.46
C ALA A 127 5.27 15.55 -7.09
N GLU A 128 5.23 15.67 -8.42
CA GLU A 128 6.12 16.58 -9.13
C GLU A 128 5.87 18.00 -8.63
N ASP A 129 4.59 18.38 -8.49
CA ASP A 129 4.31 19.74 -8.00
C ASP A 129 4.88 19.92 -6.59
N PHE A 130 4.71 18.92 -5.74
CA PHE A 130 5.21 19.02 -4.36
C PHE A 130 6.73 19.12 -4.35
N ALA A 131 7.38 18.51 -5.34
CA ALA A 131 8.82 18.60 -5.44
C ALA A 131 9.21 20.03 -5.61
N ARG A 132 8.43 20.77 -6.40
CA ARG A 132 8.79 22.16 -6.66
C ARG A 132 8.40 23.06 -5.49
N GLN A 133 7.21 22.83 -4.91
CA GLN A 133 6.83 23.50 -3.65
C GLN A 133 7.91 23.36 -2.60
N GLN A 134 8.60 22.23 -2.57
CA GLN A 134 9.67 22.00 -1.61
C GLN A 134 11.09 22.33 -2.10
N GLY A 135 11.19 22.76 -3.36
CA GLY A 135 12.46 23.18 -3.94
C GLY A 135 13.57 22.13 -3.88
N VAL A 136 13.24 20.87 -4.17
CA VAL A 136 14.25 19.83 -4.29
C VAL A 136 14.86 19.86 -5.69
N GLU A 137 16.03 19.22 -5.85
CA GLU A 137 16.65 19.11 -7.15
C GLU A 137 15.80 18.33 -8.13
N VAL A 138 15.44 18.98 -9.24
CA VAL A 138 14.76 18.29 -10.33
C VAL A 138 15.56 18.37 -11.63
N VAL A 139 15.45 17.37 -12.51
CA VAL A 139 16.15 17.37 -13.80
C VAL A 139 15.27 16.77 -14.90
N ASP A 140 15.76 16.72 -16.12
CA ASP A 140 14.98 16.16 -17.22
C ASP A 140 14.97 14.64 -17.04
N ASN A 141 13.89 14.00 -17.49
CA ASN A 141 13.77 12.55 -17.32
C ASN A 141 14.91 11.78 -17.98
N GLU A 142 15.51 12.39 -19.00
CA GLU A 142 16.64 11.80 -19.73
C GLU A 142 17.81 11.50 -18.81
N TYR A 143 17.99 12.38 -17.83
CA TYR A 143 19.05 12.24 -16.82
C TYR A 143 19.06 10.87 -16.20
N PHE A 144 17.90 10.20 -16.18
CA PHE A 144 17.77 8.95 -15.42
C PHE A 144 18.06 7.72 -16.26
N VAL A 145 18.14 7.91 -17.57
CA VAL A 145 18.25 6.76 -18.49
C VAL A 145 19.68 6.39 -18.83
N THR A 146 20.07 5.16 -18.48
CA THR A 146 21.39 4.67 -18.82
C THR A 146 21.31 3.71 -20.00
N PRO A 147 22.29 3.80 -20.93
CA PRO A 147 22.40 2.94 -22.12
C PRO A 147 22.32 1.45 -21.77
N ASP A 148 22.87 1.10 -20.62
CA ASP A 148 22.71 -0.25 -20.09
C ASP A 148 21.22 -0.64 -19.97
N ASN A 149 20.37 0.30 -19.55
CA ASN A 149 18.95 0.02 -19.34
C ASN A 149 18.13 -0.03 -20.63
N VAL A 150 18.43 0.90 -21.54
CA VAL A 150 17.81 0.95 -22.86
C VAL A 150 17.97 -0.37 -23.61
N GLY A 151 19.13 -1.00 -23.40
CA GLY A 151 19.43 -2.27 -24.03
C GLY A 151 18.55 -3.35 -23.45
N MET A 152 18.44 -3.37 -22.14
CA MET A 152 17.66 -4.40 -21.47
C MET A 152 16.15 -4.34 -21.74
N LEU A 153 15.66 -3.16 -22.04
CA LEU A 153 14.27 -3.00 -22.42
C LEU A 153 14.01 -3.58 -23.80
N LYS A 154 14.86 -3.22 -24.75
CA LYS A 154 14.76 -3.71 -26.11
C LYS A 154 14.66 -5.21 -26.03
N LEU A 155 15.57 -5.80 -25.28
CA LEU A 155 15.61 -7.23 -25.08
C LEU A 155 14.32 -7.76 -24.42
N ALA A 156 13.74 -6.97 -23.53
CA ALA A 156 12.54 -7.42 -22.82
C ALA A 156 11.25 -7.38 -23.68
N LYS A 157 11.13 -6.35 -24.52
CA LYS A 157 9.94 -6.13 -25.33
C LYS A 157 9.82 -7.14 -26.48
N GLU A 158 10.98 -7.61 -26.93
CA GLU A 158 11.09 -8.68 -27.91
C GLU A 158 10.75 -10.02 -27.26
N ALA A 159 11.13 -10.19 -25.99
CA ALA A 159 10.93 -11.44 -25.28
C ALA A 159 9.47 -11.93 -25.11
N ASN A 160 8.49 -11.14 -25.56
CA ASN A 160 7.08 -11.59 -25.54
C ASN A 160 6.71 -12.62 -26.62
N THR B 1 15.75 -2.01 -7.40
CA THR B 1 15.32 -1.62 -6.06
C THR B 1 16.48 -1.56 -5.09
N VAL B 2 16.55 -0.47 -4.33
CA VAL B 2 17.56 -0.35 -3.30
C VAL B 2 16.82 -0.04 -2.02
N GLY B 3 17.49 -0.26 -0.90
CA GLY B 3 16.83 -0.15 0.38
C GLY B 3 17.87 -0.03 1.46
N CYS B 4 17.42 0.33 2.66
CA CYS B 4 18.33 0.41 3.80
C CYS B 4 17.51 0.41 5.06
N VAL B 5 17.89 -0.48 5.98
CA VAL B 5 17.24 -0.54 7.28
C VAL B 5 18.30 -0.32 8.35
N VAL B 6 17.91 0.44 9.37
CA VAL B 6 18.83 0.83 10.42
C VAL B 6 18.14 0.72 11.79
N VAL B 7 18.86 0.20 12.79
CA VAL B 7 18.50 0.48 14.19
C VAL B 7 19.66 1.24 14.80
N ASP B 8 19.37 2.41 15.36
CA ASP B 8 20.43 3.22 15.98
C ASP B 8 20.71 2.89 17.47
N ARG B 9 21.70 3.56 18.07
CA ARG B 9 22.03 3.39 19.49
C ARG B 9 20.86 3.67 20.45
N GLU B 10 19.87 4.44 19.98
CA GLU B 10 18.68 4.74 20.78
C GLU B 10 17.62 3.63 20.71
N GLY B 11 17.86 2.59 19.91
CA GLY B 11 16.91 1.47 19.76
C GLY B 11 15.83 1.75 18.72
N ARG B 12 15.94 2.91 18.07
CA ARG B 12 14.99 3.37 17.08
C ARG B 12 15.21 2.71 15.74
N CYS B 13 14.18 2.05 15.22
CA CYS B 13 14.23 1.50 13.86
C CYS B 13 13.65 2.43 12.81
N ALA B 14 14.13 2.26 11.58
CA ALA B 14 13.70 3.03 10.42
C ALA B 14 14.05 2.22 9.18
N ALA B 15 13.34 2.51 8.09
CA ALA B 15 13.56 1.77 6.87
C ALA B 15 13.28 2.67 5.67
N ALA B 16 13.94 2.38 4.57
CA ALA B 16 13.76 3.19 3.39
C ALA B 16 13.93 2.32 2.14
N THR B 17 13.07 2.50 1.15
CA THR B 17 13.17 1.70 -0.05
C THR B 17 12.95 2.63 -1.24
N SER B 18 13.70 2.39 -2.32
CA SER B 18 13.54 3.25 -3.50
C SER B 18 13.79 2.39 -4.74
N THR B 19 13.04 2.67 -5.81
CA THR B 19 13.12 1.82 -6.98
C THR B 19 12.74 2.53 -8.26
N GLY B 20 13.11 1.89 -9.38
CA GLY B 20 12.62 2.29 -10.71
C GLY B 20 11.43 1.41 -11.11
N GLY B 21 11.23 0.34 -10.35
CA GLY B 21 10.16 -0.59 -10.64
C GLY B 21 10.62 -1.62 -11.67
N LEU B 22 9.67 -2.45 -12.09
CA LEU B 22 9.89 -3.59 -12.98
C LEU B 22 10.14 -3.14 -14.44
N MET B 23 11.18 -3.67 -15.06
CA MET B 23 11.52 -3.35 -16.45
C MET B 23 10.34 -3.66 -17.38
N ASN B 24 10.01 -2.72 -18.26
CA ASN B 24 8.96 -2.87 -19.26
C ASN B 24 7.55 -2.78 -18.65
N LYS B 25 7.49 -2.53 -17.34
CA LYS B 25 6.20 -2.28 -16.66
C LYS B 25 5.32 -1.29 -17.42
N MET B 26 3.99 -1.49 -17.31
CA MET B 26 3.06 -0.59 -17.96
C MET B 26 3.15 0.76 -17.30
N THR B 27 2.95 1.79 -18.11
CA THR B 27 2.86 3.13 -17.59
C THR B 27 1.96 3.19 -16.37
N GLY B 28 2.39 3.89 -15.32
CA GLY B 28 1.56 4.06 -14.12
C GLY B 28 1.51 2.82 -13.20
N ARG B 29 2.21 1.74 -13.55
CA ARG B 29 2.27 0.58 -12.66
C ARG B 29 2.98 0.95 -11.33
N ILE B 30 2.39 0.54 -10.23
CA ILE B 30 2.97 0.82 -8.93
C ILE B 30 3.29 -0.52 -8.29
N GLY B 31 4.52 -0.68 -7.81
CA GLY B 31 4.94 -1.90 -7.17
C GLY B 31 4.84 -1.86 -5.67
N ASP B 32 5.55 -2.76 -5.02
CA ASP B 32 5.54 -2.87 -3.57
C ASP B 32 6.40 -1.78 -2.90
N SER B 33 7.36 -1.22 -3.62
CA SER B 33 8.34 -0.34 -2.92
C SER B 33 7.80 0.91 -2.23
N PRO B 34 6.70 1.52 -2.75
CA PRO B 34 6.27 2.73 -2.04
C PRO B 34 5.11 2.44 -1.13
N LEU B 35 4.74 1.15 -1.02
CA LEU B 35 3.59 0.75 -0.22
C LEU B 35 4.02 0.30 1.15
N ILE B 36 3.70 1.14 2.13
CA ILE B 36 3.89 0.81 3.53
C ILE B 36 3.25 -0.51 3.88
N GLY B 37 4.04 -1.41 4.48
CA GLY B 37 3.58 -2.73 4.89
C GLY B 37 3.97 -3.75 3.82
N ALA B 38 4.21 -3.26 2.62
CA ALA B 38 4.62 -4.16 1.55
C ALA B 38 6.15 -4.05 1.35
N GLY B 39 6.60 -3.00 0.68
CA GLY B 39 8.03 -2.91 0.40
C GLY B 39 8.84 -2.33 1.54
N THR B 40 8.17 -1.66 2.48
CA THR B 40 8.80 -0.92 3.58
C THR B 40 7.92 -0.90 4.85
N TYR B 41 8.54 -1.08 6.02
CA TYR B 41 7.82 -0.97 7.30
C TYR B 41 8.82 -0.77 8.45
N ALA B 42 8.46 0.02 9.45
CA ALA B 42 9.26 0.10 10.67
C ALA B 42 8.37 0.43 11.84
N CYS B 43 8.54 -0.26 12.97
CA CYS B 43 7.78 0.04 14.18
C CYS B 43 8.77 0.00 15.32
N ASP B 44 8.23 -0.16 16.53
CA ASP B 44 9.06 -0.27 17.74
C ASP B 44 10.08 -1.38 17.64
N VAL B 45 9.64 -2.51 17.13
CA VAL B 45 10.42 -3.73 17.18
C VAL B 45 11.40 -3.89 16.01
N CYS B 46 11.03 -3.38 14.84
CA CYS B 46 11.89 -3.63 13.69
C CYS B 46 11.76 -2.64 12.58
N GLY B 47 12.58 -2.87 11.56
CA GLY B 47 12.71 -2.04 10.37
C GLY B 47 12.93 -2.98 9.20
N VAL B 48 12.12 -2.86 8.16
CA VAL B 48 12.18 -3.81 7.07
C VAL B 48 12.08 -3.17 5.69
N SER B 49 12.88 -3.67 4.74
CA SER B 49 12.82 -3.23 3.37
C SER B 49 12.86 -4.45 2.44
N CYS B 50 12.00 -4.49 1.42
CA CYS B 50 11.86 -5.71 0.61
C CYS B 50 12.29 -5.45 -0.81
N THR B 51 12.48 -6.53 -1.58
CA THR B 51 12.81 -6.37 -2.98
C THR B 51 12.46 -7.67 -3.67
N GLY B 52 12.21 -7.58 -4.97
CA GLY B 52 11.75 -8.77 -5.70
C GLY B 52 10.53 -8.49 -6.53
N GLU B 53 9.67 -9.51 -6.66
CA GLU B 53 8.44 -9.37 -7.44
C GLU B 53 7.40 -8.56 -6.65
N GLY B 54 7.10 -7.37 -7.14
CA GLY B 54 6.21 -6.46 -6.43
C GLY B 54 4.87 -7.08 -6.11
N GLU B 55 4.24 -7.62 -7.16
CA GLU B 55 2.92 -8.23 -7.06
C GLU B 55 2.93 -9.30 -5.95
N ALA B 56 4.00 -10.10 -5.90
CA ALA B 56 4.12 -11.11 -4.84
C ALA B 56 4.42 -10.54 -3.43
N ILE B 57 5.09 -9.40 -3.37
CA ILE B 57 5.41 -8.77 -2.08
C ILE B 57 4.19 -8.05 -1.52
N ILE B 58 3.43 -7.41 -2.41
CA ILE B 58 2.16 -6.79 -2.04
C ILE B 58 1.18 -7.82 -1.46
N ARG B 59 0.94 -8.93 -2.17
CA ARG B 59 -0.12 -9.85 -1.72
C ARG B 59 0.36 -10.54 -0.46
N GLY B 60 1.68 -10.50 -0.25
CA GLY B 60 2.28 -11.07 0.93
C GLY B 60 2.43 -10.09 2.08
N THR B 61 2.10 -8.81 1.87
CA THR B 61 2.39 -7.77 2.86
C THR B 61 3.75 -8.01 3.59
N LEU B 62 4.81 -8.30 2.81
CA LEU B 62 6.02 -8.87 3.39
C LEU B 62 6.61 -8.09 4.54
N ALA B 63 6.75 -6.78 4.36
CA ALA B 63 7.49 -5.99 5.35
C ALA B 63 6.76 -5.99 6.68
N ARG B 64 5.46 -5.66 6.65
CA ARG B 64 4.63 -5.70 7.84
C ARG B 64 4.66 -7.07 8.50
N GLU B 65 4.77 -8.11 7.67
CA GLU B 65 4.64 -9.49 8.17
C GLU B 65 5.83 -9.84 9.06
N VAL B 66 7.01 -9.36 8.67
CA VAL B 66 8.16 -9.54 9.53
C VAL B 66 7.82 -9.02 10.93
N ALA B 67 7.30 -7.79 11.03
CA ALA B 67 6.89 -7.26 12.33
C ALA B 67 5.74 -8.06 12.94
N ALA B 68 4.76 -8.45 12.13
CA ALA B 68 3.64 -9.22 12.64
C ALA B 68 4.06 -10.55 13.32
N VAL B 69 4.84 -11.38 12.63
CA VAL B 69 5.22 -12.65 13.25
C VAL B 69 6.07 -12.50 14.53
N MET B 70 6.81 -11.40 14.67
CA MET B 70 7.52 -11.15 15.93
C MET B 70 6.55 -10.71 17.04
N GLU B 71 5.54 -9.92 16.72
CA GLU B 71 4.61 -9.44 17.74
C GLU B 71 3.66 -10.54 18.25
N TYR B 72 3.24 -11.43 17.35
CA TYR B 72 2.15 -12.38 17.66
C TYR B 72 2.63 -13.82 17.79
N LYS B 73 3.69 -14.17 17.06
CA LYS B 73 4.29 -15.51 17.21
C LYS B 73 5.57 -15.40 18.04
N GLY B 74 5.86 -14.19 18.53
CA GLY B 74 7.08 -13.90 19.27
C GLY B 74 8.36 -14.49 18.73
N LEU B 75 8.55 -14.51 17.41
CA LEU B 75 9.74 -15.11 16.83
C LEU B 75 10.96 -14.18 16.99
N LYS B 76 12.15 -14.74 16.79
CA LYS B 76 13.38 -13.96 16.71
C LYS B 76 13.45 -13.37 15.33
N LEU B 77 14.29 -12.36 15.16
CA LEU B 77 14.31 -11.61 13.91
C LEU B 77 14.65 -12.49 12.70
N HIS B 78 15.77 -13.23 12.82
CA HIS B 78 16.27 -14.10 11.76
C HIS B 78 15.25 -15.20 11.41
N GLN B 79 14.47 -15.63 12.39
CA GLN B 79 13.42 -16.58 12.13
C GLN B 79 12.24 -15.91 11.44
N ALA B 80 11.88 -14.72 11.93
CA ALA B 80 10.73 -14.00 11.43
C ALA B 80 10.95 -13.76 9.96
N VAL B 81 12.15 -13.28 9.65
CA VAL B 81 12.59 -13.09 8.27
C VAL B 81 12.38 -14.37 7.45
N ASP B 82 12.96 -15.47 7.93
CA ASP B 82 12.91 -16.72 7.17
C ASP B 82 11.50 -17.37 7.15
N PHE B 83 10.75 -17.22 8.24
CA PHE B 83 9.35 -17.64 8.26
C PHE B 83 8.55 -16.94 7.15
N VAL B 84 8.83 -15.65 7.00
CA VAL B 84 8.15 -14.81 6.05
C VAL B 84 8.47 -15.17 4.61
N ILE B 85 9.74 -15.46 4.32
CA ILE B 85 10.13 -15.87 2.98
C ILE B 85 9.47 -17.21 2.64
N LYS B 86 9.44 -18.14 3.60
CA LYS B 86 8.88 -19.43 3.32
C LYS B 86 7.37 -19.38 3.07
N HIS B 87 6.62 -18.79 4.01
CA HIS B 87 5.17 -18.95 3.98
C HIS B 87 4.36 -17.84 3.35
N ARG B 88 4.99 -16.73 2.94
CA ARG B 88 4.22 -15.65 2.35
C ARG B 88 4.44 -15.50 0.84
N LEU B 89 5.30 -16.35 0.29
CA LEU B 89 5.74 -16.15 -1.10
C LEU B 89 5.01 -16.98 -2.16
N ASP B 90 4.71 -18.25 -1.88
CA ASP B 90 3.89 -19.08 -2.78
C ASP B 90 4.25 -18.94 -4.26
N GLU B 91 5.48 -19.31 -4.63
CA GLU B 91 6.01 -19.24 -6.03
C GLU B 91 6.56 -17.87 -6.44
N GLY B 92 6.17 -16.83 -5.70
CA GLY B 92 6.74 -15.50 -5.92
C GLY B 92 8.16 -15.42 -5.41
N LYS B 93 8.99 -14.68 -6.13
CA LYS B 93 10.40 -14.53 -5.75
C LYS B 93 10.68 -13.18 -5.06
N ALA B 94 11.11 -13.24 -3.80
CA ALA B 94 11.46 -12.01 -3.13
C ALA B 94 12.60 -12.15 -2.12
N GLY B 95 13.02 -11.02 -1.59
CA GLY B 95 13.93 -10.99 -0.47
C GLY B 95 13.77 -9.70 0.31
N LEU B 96 14.47 -9.63 1.43
CA LEU B 96 14.30 -8.50 2.32
C LEU B 96 15.46 -8.42 3.30
N ILE B 97 15.61 -7.24 3.90
CA ILE B 97 16.61 -7.02 4.91
C ILE B 97 15.87 -6.43 6.08
N ALA B 98 16.36 -6.69 7.28
CA ALA B 98 15.66 -6.23 8.47
C ALA B 98 16.62 -6.00 9.62
N VAL B 99 16.27 -5.07 10.50
CA VAL B 99 16.93 -4.94 11.79
C VAL B 99 15.86 -5.03 12.85
N SER B 100 16.26 -5.37 14.06
CA SER B 100 15.38 -5.33 15.24
C SER B 100 15.81 -4.20 16.20
N ASN B 101 14.99 -3.88 17.20
CA ASN B 101 15.34 -2.79 18.14
C ASN B 101 16.42 -3.22 19.12
N THR B 102 16.82 -4.49 19.05
CA THR B 102 17.86 -5.04 19.88
C THR B 102 19.24 -5.09 19.18
N GLY B 103 19.39 -4.36 18.08
CA GLY B 103 20.62 -4.39 17.29
C GLY B 103 20.88 -5.67 16.51
N GLU B 104 19.83 -6.43 16.17
CA GLU B 104 20.05 -7.57 15.29
C GLU B 104 19.88 -7.16 13.80
N VAL B 105 20.38 -7.98 12.89
CA VAL B 105 20.27 -7.72 11.46
C VAL B 105 20.11 -9.04 10.70
N ALA B 106 19.13 -9.09 9.78
CA ALA B 106 18.86 -10.31 9.01
C ALA B 106 18.65 -9.98 7.54
N CYS B 107 18.99 -10.91 6.67
CA CYS B 107 18.53 -10.87 5.30
C CYS B 107 17.72 -12.17 5.10
N GLY B 108 17.00 -12.27 4.01
CA GLY B 108 16.32 -13.50 3.68
C GLY B 108 15.92 -13.34 2.25
N PHE B 109 15.87 -14.42 1.49
CA PHE B 109 15.37 -14.41 0.12
C PHE B 109 15.18 -15.83 -0.43
N ASN B 110 14.49 -15.93 -1.55
CA ASN B 110 14.30 -17.20 -2.25
C ASN B 110 14.66 -17.06 -3.73
N CYS B 111 15.42 -16.02 -4.06
CA CYS B 111 15.96 -15.82 -5.39
C CYS B 111 17.35 -16.49 -5.42
N ASN B 112 17.98 -16.50 -6.59
CA ASN B 112 19.36 -16.99 -6.69
C ASN B 112 20.31 -16.16 -5.82
N GLY B 113 19.94 -14.92 -5.53
CA GLY B 113 20.80 -14.03 -4.77
C GLY B 113 20.19 -12.64 -4.50
N MET B 114 20.88 -11.88 -3.64
CA MET B 114 20.46 -10.53 -3.23
C MET B 114 21.63 -9.64 -2.83
N PHE B 115 21.85 -8.58 -3.60
CA PHE B 115 22.92 -7.64 -3.25
C PHE B 115 22.58 -7.04 -1.90
N ARG B 116 23.37 -7.36 -0.88
CA ARG B 116 23.13 -6.85 0.46
C ARG B 116 24.45 -6.59 1.21
N ALA B 117 24.36 -5.88 2.33
CA ALA B 117 25.48 -5.67 3.20
C ALA B 117 24.92 -5.32 4.55
N CYS B 118 25.58 -5.81 5.58
CA CYS B 118 25.14 -5.54 6.94
C CYS B 118 26.29 -5.36 7.94
N ALA B 119 26.02 -4.61 9.00
CA ALA B 119 26.99 -4.38 10.04
C ALA B 119 26.30 -4.24 11.40
N THR B 120 27.03 -4.58 12.47
CA THR B 120 26.59 -4.24 13.81
C THR B 120 27.73 -3.52 14.55
N GLU B 121 27.37 -2.82 15.62
CA GLU B 121 28.30 -1.96 16.34
C GLU B 121 29.40 -2.77 17.05
N ASP B 122 29.09 -3.99 17.48
CA ASP B 122 30.12 -4.83 18.08
C ASP B 122 31.19 -5.22 17.03
N GLY B 123 30.94 -4.83 15.78
CA GLY B 123 31.90 -5.02 14.70
C GLY B 123 31.60 -6.09 13.65
N PHE B 124 30.43 -6.72 13.67
CA PHE B 124 30.05 -7.56 12.52
C PHE B 124 30.02 -6.70 11.23
N MET B 125 30.38 -7.33 10.11
CA MET B 125 30.31 -6.69 8.79
C MET B 125 30.37 -7.74 7.69
N GLU B 126 29.27 -7.86 6.93
CA GLU B 126 29.25 -8.72 5.75
C GLU B 126 28.72 -7.97 4.54
N VAL B 127 29.34 -8.19 3.40
CA VAL B 127 28.79 -7.74 2.14
C VAL B 127 28.74 -8.98 1.25
N ALA B 128 27.58 -9.22 0.65
CA ALA B 128 27.29 -10.49 -0.04
C ALA B 128 26.42 -10.33 -1.31
N ILE B 129 26.48 -11.33 -2.19
CA ILE B 129 25.65 -11.35 -3.38
C ILE B 129 24.84 -12.65 -3.40
N TRP B 130 25.51 -13.79 -3.16
CA TRP B 130 24.89 -15.11 -3.22
C TRP B 130 24.54 -15.62 -1.83
N ASP B 131 25.22 -16.68 -1.41
CA ASP B 131 24.96 -17.40 -0.14
C ASP B 131 23.76 -18.35 -0.31
N GLY C 4 -22.03 -21.47 8.85
CA GLY C 4 -21.45 -22.08 7.66
C GLY C 4 -22.08 -21.61 6.34
N GLY C 5 -22.94 -20.59 6.42
CA GLY C 5 -23.55 -20.02 5.23
C GLY C 5 -23.03 -18.60 4.94
N TRP C 6 -23.56 -17.94 3.89
CA TRP C 6 -23.06 -16.61 3.49
C TRP C 6 -23.20 -15.47 4.54
N ALA C 7 -22.33 -14.47 4.43
CA ALA C 7 -22.45 -13.21 5.18
C ALA C 7 -21.94 -12.02 4.34
N ILE C 8 -22.36 -10.82 4.68
CA ILE C 8 -22.02 -9.62 3.90
C ILE C 8 -22.12 -8.35 4.71
N ALA C 9 -21.15 -7.46 4.53
CA ALA C 9 -21.29 -6.14 5.11
C ALA C 9 -21.07 -5.13 4.01
N VAL C 10 -21.60 -3.92 4.19
CA VAL C 10 -21.37 -2.83 3.29
C VAL C 10 -21.13 -1.62 4.17
N HIS C 11 -20.33 -0.67 3.73
CA HIS C 11 -20.26 0.54 4.51
C HIS C 11 -20.22 1.75 3.63
N GLY C 12 -20.62 2.89 4.18
CA GLY C 12 -20.59 4.15 3.46
C GLY C 12 -19.66 5.15 4.11
N GLY C 13 -18.65 4.64 4.83
CA GLY C 13 -17.63 5.50 5.41
C GLY C 13 -17.82 5.73 6.88
N ALA C 14 -16.71 5.93 7.59
CA ALA C 14 -16.75 6.25 9.01
C ALA C 14 -16.55 7.76 9.17
N GLY C 15 -17.09 8.29 10.26
CA GLY C 15 -17.07 9.73 10.46
C GLY C 15 -18.30 10.33 9.83
N VAL C 16 -19.28 10.59 10.68
CA VAL C 16 -20.57 11.13 10.29
C VAL C 16 -20.77 12.51 10.91
N ASP C 17 -21.36 13.43 10.15
CA ASP C 17 -21.73 14.77 10.63
C ASP C 17 -22.84 14.64 11.69
N PRO C 18 -22.58 15.09 12.93
CA PRO C 18 -23.65 15.04 13.96
C PRO C 18 -24.77 16.07 13.68
N THR C 19 -24.51 17.02 12.77
CA THR C 19 -25.44 18.09 12.38
C THR C 19 -26.36 17.68 11.21
N LEU C 20 -26.27 16.39 10.84
CA LEU C 20 -26.98 15.83 9.70
C LEU C 20 -28.48 15.68 9.96
N PRO C 21 -29.31 16.17 9.02
CA PRO C 21 -30.79 16.11 9.05
C PRO C 21 -31.34 14.68 9.17
N LEU C 22 -32.53 14.52 9.75
CA LEU C 22 -33.10 13.18 9.89
C LEU C 22 -33.34 12.56 8.51
N GLU C 23 -33.74 13.39 7.55
CA GLU C 23 -34.11 12.89 6.22
C GLU C 23 -32.89 12.40 5.45
N ARG C 24 -31.81 13.18 5.50
CA ARG C 24 -30.57 12.76 4.87
C ARG C 24 -30.08 11.42 5.46
N GLN C 25 -30.38 11.20 6.75
CA GLN C 25 -30.01 9.96 7.44
C GLN C 25 -30.85 8.77 6.98
N GLU C 26 -32.12 8.99 6.69
CA GLU C 26 -32.98 7.91 6.19
C GLU C 26 -32.51 7.53 4.78
N GLU C 27 -32.39 8.53 3.90
CA GLU C 27 -31.80 8.36 2.57
C GLU C 27 -30.51 7.52 2.54
N ALA C 28 -29.62 7.75 3.51
CA ALA C 28 -28.36 7.00 3.60
C ALA C 28 -28.66 5.54 3.96
N LYS C 29 -29.56 5.36 4.92
CA LYS C 29 -30.05 4.03 5.28
C LYS C 29 -30.72 3.31 4.10
N GLN C 30 -31.49 4.04 3.29
CA GLN C 30 -32.21 3.46 2.16
C GLN C 30 -31.18 2.85 1.22
N LEU C 31 -30.19 3.68 0.92
CA LEU C 31 -29.10 3.34 0.04
C LEU C 31 -28.36 2.09 0.52
N LEU C 32 -28.07 2.02 1.83
CA LEU C 32 -27.30 0.90 2.39
C LEU C 32 -28.09 -0.39 2.24
N THR C 33 -29.40 -0.29 2.47
CA THR C 33 -30.34 -1.39 2.34
C THR C 33 -30.42 -1.93 0.91
N ARG C 34 -30.62 -1.03 -0.03
CA ARG C 34 -30.65 -1.40 -1.43
C ARG C 34 -29.37 -2.15 -1.79
N CYS C 35 -28.23 -1.64 -1.34
CA CYS C 35 -26.95 -2.21 -1.76
C CYS C 35 -26.79 -3.57 -1.11
N LEU C 36 -27.09 -3.63 0.18
CA LEU C 36 -27.00 -4.87 0.91
C LEU C 36 -27.89 -5.89 0.23
N ASN C 37 -29.06 -5.43 -0.22
CA ASN C 37 -30.02 -6.30 -0.86
C ASN C 37 -29.53 -6.93 -2.15
N LEU C 38 -28.86 -6.12 -2.99
CA LEU C 38 -28.24 -6.69 -4.19
C LEU C 38 -27.29 -7.80 -3.78
N GLY C 39 -26.64 -7.62 -2.64
CA GLY C 39 -25.65 -8.58 -2.19
C GLY C 39 -26.33 -9.83 -1.71
N ILE C 40 -27.33 -9.63 -0.84
CA ILE C 40 -28.13 -10.72 -0.30
C ILE C 40 -28.74 -11.62 -1.39
N SER C 41 -29.31 -11.02 -2.41
CA SER C 41 -29.93 -11.82 -3.47
C SER C 41 -28.84 -12.54 -4.29
N ALA C 42 -27.74 -11.84 -4.56
CA ALA C 42 -26.61 -12.44 -5.29
C ALA C 42 -26.06 -13.68 -4.58
N LEU C 43 -25.89 -13.61 -3.26
CA LEU C 43 -25.39 -14.75 -2.51
C LEU C 43 -26.40 -15.91 -2.48
N ASN C 44 -27.69 -15.58 -2.63
CA ASN C 44 -28.75 -16.60 -2.69
C ASN C 44 -28.76 -17.37 -4.02
N SER C 45 -28.44 -16.65 -5.09
CA SER C 45 -28.22 -17.24 -6.42
C SER C 45 -26.80 -17.85 -6.54
N ASN C 46 -26.12 -18.02 -5.41
CA ASN C 46 -24.81 -18.65 -5.37
C ASN C 46 -23.67 -18.02 -6.19
N VAL C 47 -23.67 -16.69 -6.39
CA VAL C 47 -22.53 -16.09 -7.07
C VAL C 47 -21.30 -15.94 -6.15
N PRO C 48 -20.09 -16.08 -6.72
CA PRO C 48 -18.88 -16.11 -5.88
C PRO C 48 -18.67 -14.78 -5.15
N ALA C 49 -18.11 -14.87 -3.94
CA ALA C 49 -17.95 -13.71 -3.08
C ALA C 49 -17.27 -12.57 -3.81
N ILE C 50 -16.29 -12.90 -4.67
CA ILE C 50 -15.52 -11.89 -5.40
C ILE C 50 -16.40 -11.08 -6.38
N ASP C 51 -17.43 -11.73 -6.93
CA ASP C 51 -18.32 -11.02 -7.86
C ASP C 51 -19.32 -10.11 -7.12
N VAL C 52 -19.70 -10.53 -5.92
CA VAL C 52 -20.68 -9.82 -5.08
C VAL C 52 -20.07 -8.53 -4.54
N VAL C 53 -18.80 -8.58 -4.12
CA VAL C 53 -18.20 -7.36 -3.60
C VAL C 53 -18.15 -6.32 -4.73
N GLU C 54 -17.87 -6.78 -5.94
CA GLU C 54 -17.76 -5.85 -7.03
C GLU C 54 -19.10 -5.22 -7.35
N LEU C 55 -20.13 -6.04 -7.55
CA LEU C 55 -21.42 -5.51 -7.94
C LEU C 55 -21.99 -4.60 -6.87
N VAL C 56 -21.81 -4.94 -5.58
CA VAL C 56 -22.34 -4.09 -4.49
C VAL C 56 -21.61 -2.72 -4.48
N VAL C 57 -20.29 -2.75 -4.59
CA VAL C 57 -19.55 -1.49 -4.67
C VAL C 57 -19.88 -0.65 -5.93
N ARG C 58 -20.05 -1.30 -7.09
CA ARG C 58 -20.57 -0.55 -8.26
C ARG C 58 -21.82 0.31 -7.94
N GLU C 59 -22.75 -0.23 -7.15
CA GLU C 59 -24.00 0.50 -6.85
C GLU C 59 -23.66 1.67 -5.92
N LEU C 60 -22.81 1.41 -4.94
CA LEU C 60 -22.32 2.45 -4.04
C LEU C 60 -21.51 3.55 -4.76
N GLU C 61 -20.85 3.20 -5.86
CA GLU C 61 -20.13 4.22 -6.62
C GLU C 61 -21.09 5.07 -7.46
N THR C 62 -22.07 4.43 -8.07
CA THR C 62 -23.01 5.10 -8.96
C THR C 62 -23.97 6.08 -8.26
N ASP C 63 -24.41 5.75 -7.04
CA ASP C 63 -25.33 6.62 -6.31
C ASP C 63 -24.51 7.76 -5.72
N PRO C 64 -24.97 9.00 -5.88
CA PRO C 64 -24.15 10.18 -5.56
C PRO C 64 -24.04 10.53 -4.08
N LEU C 65 -24.61 9.67 -3.22
CA LEU C 65 -24.74 10.00 -1.82
C LEU C 65 -23.36 10.01 -1.13
N PHE C 66 -22.73 8.84 -1.07
CA PHE C 66 -21.45 8.64 -0.39
C PHE C 66 -20.23 9.11 -1.18
N ASN C 67 -19.11 9.25 -0.48
CA ASN C 67 -17.86 9.70 -1.07
C ASN C 67 -17.15 8.61 -1.85
N SER C 68 -17.59 8.40 -3.08
CA SER C 68 -16.95 7.49 -4.04
C SER C 68 -17.62 7.76 -5.41
N GLY C 69 -17.09 7.19 -6.50
CA GLY C 69 -17.60 7.45 -7.84
C GLY C 69 -18.22 8.83 -8.03
N ARG C 70 -19.46 8.86 -8.53
CA ARG C 70 -20.26 10.08 -8.58
C ARG C 70 -20.51 10.52 -7.14
N GLY C 71 -20.27 11.80 -6.88
CA GLY C 71 -20.39 12.35 -5.53
C GLY C 71 -19.09 12.27 -4.72
N SER C 72 -18.00 11.92 -5.37
CA SER C 72 -16.68 11.89 -4.72
C SER C 72 -16.29 13.25 -4.07
N ALA C 73 -15.51 13.21 -2.98
CA ALA C 73 -14.87 14.44 -2.46
C ALA C 73 -13.99 15.15 -3.51
N LEU C 74 -13.66 16.42 -3.29
CA LEU C 74 -12.93 17.20 -4.30
C LEU C 74 -11.47 17.53 -3.87
N THR C 75 -10.58 17.64 -4.86
CA THR C 75 -9.22 18.03 -4.53
C THR C 75 -9.16 19.51 -4.19
N GLU C 76 -7.99 19.94 -3.73
CA GLU C 76 -7.70 21.35 -3.59
C GLU C 76 -8.10 22.09 -4.87
N LYS C 77 -7.97 21.42 -6.03
CA LYS C 77 -8.31 22.02 -7.32
C LYS C 77 -9.80 21.98 -7.67
N GLY C 78 -10.64 21.40 -6.81
CA GLY C 78 -12.05 21.31 -7.15
C GLY C 78 -12.44 20.21 -8.14
N THR C 79 -11.50 19.31 -8.49
CA THR C 79 -11.82 18.16 -9.33
C THR C 79 -11.86 16.83 -8.57
N VAL C 80 -12.01 15.74 -9.32
CA VAL C 80 -12.14 14.42 -8.73
C VAL C 80 -11.05 13.48 -9.20
N GLU C 81 -10.47 12.78 -8.24
CA GLU C 81 -9.44 11.76 -8.47
C GLU C 81 -9.89 10.63 -7.60
N MET C 82 -10.22 9.50 -8.22
CA MET C 82 -10.82 8.38 -7.48
C MET C 82 -9.82 7.24 -7.38
N GLU C 83 -10.07 6.31 -6.46
CA GLU C 83 -9.14 5.21 -6.28
C GLU C 83 -9.90 4.10 -5.58
N ALA C 84 -9.41 2.85 -5.67
CA ALA C 84 -10.16 1.70 -5.16
C ALA C 84 -9.27 0.49 -5.14
N SER C 85 -9.67 -0.54 -4.40
CA SER C 85 -8.98 -1.79 -4.46
C SER C 85 -9.95 -2.93 -4.14
N ILE C 86 -9.60 -4.13 -4.60
CA ILE C 86 -10.42 -5.32 -4.41
C ILE C 86 -9.45 -6.47 -4.19
N MET C 87 -9.89 -7.50 -3.47
CA MET C 87 -9.04 -8.64 -3.21
C MET C 87 -9.85 -9.91 -3.05
N ASP C 88 -9.35 -10.98 -3.65
CA ASP C 88 -9.96 -12.29 -3.59
C ASP C 88 -9.23 -13.20 -2.60
N GLY C 89 -9.88 -13.48 -1.47
CA GLY C 89 -9.31 -14.29 -0.40
C GLY C 89 -8.54 -15.57 -0.71
N PRO C 90 -9.18 -16.56 -1.40
CA PRO C 90 -8.55 -17.87 -1.60
C PRO C 90 -7.06 -17.87 -1.98
N LYS C 91 -6.71 -17.25 -3.11
CA LYS C 91 -5.32 -17.27 -3.57
C LYS C 91 -4.61 -15.89 -3.41
N ARG C 92 -5.20 -15.07 -2.52
CA ARG C 92 -4.82 -13.69 -2.26
C ARG C 92 -4.55 -12.80 -3.49
N ARG C 93 -5.54 -12.69 -4.37
CA ARG C 93 -5.43 -11.94 -5.61
C ARG C 93 -5.94 -10.53 -5.39
N CYS C 94 -5.34 -9.57 -6.08
CA CYS C 94 -5.38 -8.14 -5.73
C CYS C 94 -5.44 -7.30 -6.97
N GLY C 95 -6.22 -6.22 -6.91
CA GLY C 95 -6.17 -5.19 -7.95
C GLY C 95 -6.49 -3.86 -7.30
N ALA C 96 -5.83 -2.81 -7.77
CA ALA C 96 -5.96 -1.49 -7.15
C ALA C 96 -5.73 -0.42 -8.19
N VAL C 97 -6.42 0.71 -8.07
CA VAL C 97 -6.29 1.81 -9.02
C VAL C 97 -6.29 3.13 -8.26
N SER C 98 -5.56 4.14 -8.78
CA SER C 98 -5.57 5.47 -8.16
C SER C 98 -5.53 6.49 -9.26
N GLY C 99 -5.89 7.74 -8.94
CA GLY C 99 -5.74 8.82 -9.91
C GLY C 99 -6.71 8.66 -11.06
N LEU C 100 -7.84 8.00 -10.83
CA LEU C 100 -8.85 7.90 -11.91
C LEU C 100 -9.65 9.18 -12.05
N THR C 101 -9.80 9.65 -13.28
CA THR C 101 -10.50 10.92 -13.54
C THR C 101 -11.74 10.74 -14.47
N THR C 102 -11.77 9.68 -15.27
CA THR C 102 -12.88 9.49 -16.23
C THR C 102 -13.62 8.15 -16.09
N VAL C 103 -13.09 7.27 -15.24
CA VAL C 103 -13.60 5.90 -15.13
C VAL C 103 -14.86 5.85 -14.27
N LYS C 104 -15.96 5.33 -14.82
CA LYS C 104 -17.27 5.40 -14.17
C LYS C 104 -17.34 4.56 -12.90
N ASN C 105 -16.78 3.35 -12.93
CA ASN C 105 -16.74 2.52 -11.74
C ASN C 105 -15.32 2.04 -11.39
N PRO C 106 -14.61 2.84 -10.57
CA PRO C 106 -13.23 2.52 -10.21
C PRO C 106 -13.12 1.08 -9.74
N ILE C 107 -14.03 0.61 -8.89
CA ILE C 107 -13.86 -0.74 -8.38
C ILE C 107 -13.77 -1.80 -9.49
N SER C 108 -14.47 -1.61 -10.60
CA SER C 108 -14.38 -2.60 -11.64
C SER C 108 -13.09 -2.51 -12.40
N LEU C 109 -12.50 -1.31 -12.47
CA LEU C 109 -11.19 -1.23 -13.10
C LEU C 109 -10.18 -2.00 -12.22
N ALA C 110 -10.35 -1.87 -10.90
CA ALA C 110 -9.45 -2.56 -9.99
C ALA C 110 -9.57 -4.05 -10.23
N ARG C 111 -10.82 -4.50 -10.33
CA ARG C 111 -11.13 -5.91 -10.62
C ARG C 111 -10.40 -6.28 -11.88
N LEU C 112 -10.40 -5.38 -12.88
CA LEU C 112 -9.74 -5.68 -14.16
C LEU C 112 -8.18 -5.68 -14.04
N VAL C 113 -7.62 -4.89 -13.14
CA VAL C 113 -6.17 -4.95 -12.92
C VAL C 113 -5.80 -6.35 -12.43
N MET C 114 -6.59 -6.83 -11.49
CA MET C 114 -6.45 -8.18 -10.96
C MET C 114 -6.47 -9.25 -12.06
N ASP C 115 -7.55 -9.24 -12.83
CA ASP C 115 -7.80 -10.29 -13.83
C ASP C 115 -7.16 -10.06 -15.22
N LYS C 116 -6.91 -8.82 -15.64
CA LYS C 116 -6.48 -8.65 -17.02
C LYS C 116 -5.15 -7.91 -17.19
N SER C 117 -4.37 -7.82 -16.13
CA SER C 117 -3.09 -7.15 -16.23
C SER C 117 -2.08 -7.98 -15.45
N PRO C 118 -0.79 -7.91 -15.84
CA PRO C 118 0.24 -8.65 -15.07
C PRO C 118 0.52 -7.98 -13.73
N HIS C 119 -0.05 -6.80 -13.50
CA HIS C 119 0.29 -5.97 -12.34
C HIS C 119 -0.80 -6.06 -11.28
N SER C 120 -0.57 -5.43 -10.13
CA SER C 120 -1.56 -5.42 -9.04
C SER C 120 -2.16 -4.03 -8.80
N TYR C 121 -1.51 -3.01 -9.35
CA TYR C 121 -1.84 -1.64 -8.97
C TYR C 121 -1.39 -0.76 -10.11
N ILE C 122 -2.31 0.01 -10.69
CA ILE C 122 -2.00 0.90 -11.84
C ILE C 122 -2.74 2.22 -11.56
N ALA C 123 -2.09 3.33 -11.86
CA ALA C 123 -2.58 4.62 -11.34
C ALA C 123 -2.43 5.77 -12.33
N PHE C 124 -3.19 6.86 -12.10
CA PHE C 124 -3.13 8.08 -12.93
C PHE C 124 -3.21 7.80 -14.42
N SER C 125 -2.44 8.51 -15.26
CA SER C 125 -2.55 8.35 -16.71
C SER C 125 -2.54 6.90 -17.17
N GLY C 126 -1.57 6.13 -16.69
CA GLY C 126 -1.43 4.75 -17.13
C GLY C 126 -2.66 3.91 -16.83
N ALA C 127 -3.40 4.31 -15.79
CA ALA C 127 -4.59 3.62 -15.39
C ALA C 127 -5.76 4.05 -16.31
N GLU C 128 -5.84 5.35 -16.60
CA GLU C 128 -6.72 5.84 -17.68
C GLU C 128 -6.49 5.11 -19.02
N ASP C 129 -5.23 5.01 -19.46
CA ASP C 129 -4.97 4.21 -20.66
C ASP C 129 -5.43 2.72 -20.49
N PHE C 130 -5.27 2.15 -19.30
CA PHE C 130 -5.73 0.77 -19.07
C PHE C 130 -7.27 0.69 -19.22
N ALA C 131 -7.96 1.72 -18.73
CA ALA C 131 -9.40 1.79 -18.81
C ALA C 131 -9.83 1.66 -20.26
N ARG C 132 -9.21 2.43 -21.14
CA ARG C 132 -9.56 2.36 -22.56
C ARG C 132 -9.18 1.05 -23.26
N GLN C 133 -8.06 0.45 -22.88
CA GLN C 133 -7.69 -0.88 -23.39
C GLN C 133 -8.73 -1.91 -23.02
N GLN C 134 -9.34 -1.75 -21.86
CA GLN C 134 -10.28 -2.73 -21.36
C GLN C 134 -11.71 -2.33 -21.74
N GLY C 135 -11.80 -1.26 -22.53
CA GLY C 135 -13.06 -0.71 -22.99
C GLY C 135 -14.10 -0.44 -21.91
N VAL C 136 -13.70 -0.12 -20.66
CA VAL C 136 -14.72 0.28 -19.67
C VAL C 136 -15.44 1.61 -19.99
N GLU C 137 -16.61 1.80 -19.37
CA GLU C 137 -17.36 3.05 -19.55
C GLU C 137 -16.53 4.19 -18.98
N VAL C 138 -16.16 5.17 -19.80
CA VAL C 138 -15.50 6.37 -19.30
C VAL C 138 -16.30 7.63 -19.64
N VAL C 139 -16.12 8.69 -18.85
CA VAL C 139 -16.90 9.93 -18.99
C VAL C 139 -16.09 11.13 -18.53
N ASP C 140 -16.54 12.35 -18.85
CA ASP C 140 -15.81 13.55 -18.43
C ASP C 140 -15.82 13.68 -16.90
N ASN C 141 -14.81 14.34 -16.35
CA ASN C 141 -14.67 14.51 -14.90
C ASN C 141 -15.84 15.22 -14.23
N GLU C 142 -16.38 16.22 -14.92
CA GLU C 142 -17.54 16.99 -14.45
C GLU C 142 -18.70 16.11 -14.00
N TYR C 143 -18.81 14.93 -14.61
CA TYR C 143 -19.87 13.98 -14.27
C TYR C 143 -19.88 13.60 -12.79
N PHE C 144 -18.69 13.46 -12.20
CA PHE C 144 -18.53 12.98 -10.81
C PHE C 144 -18.74 14.10 -9.78
N VAL C 145 -18.75 15.35 -10.26
CA VAL C 145 -18.84 16.50 -9.37
C VAL C 145 -20.29 16.90 -9.08
N THR C 146 -20.63 16.89 -7.81
CA THR C 146 -21.98 17.25 -7.37
C THR C 146 -21.93 18.58 -6.62
N PRO C 147 -23.04 19.34 -6.66
CA PRO C 147 -23.21 20.58 -5.91
C PRO C 147 -22.75 20.50 -4.44
N ASP C 148 -23.29 19.58 -3.65
CA ASP C 148 -22.91 19.45 -2.23
C ASP C 148 -21.40 19.36 -2.00
N ASN C 149 -20.73 18.59 -2.84
CA ASN C 149 -19.32 18.46 -2.67
C ASN C 149 -18.64 19.78 -2.96
N VAL C 150 -19.22 20.57 -3.86
CA VAL C 150 -18.61 21.87 -4.17
C VAL C 150 -18.70 22.81 -2.95
N GLY C 151 -19.83 22.75 -2.25
CA GLY C 151 -20.06 23.55 -1.04
C GLY C 151 -19.16 23.10 0.10
N MET C 152 -19.15 21.79 0.35
CA MET C 152 -18.21 21.18 1.28
C MET C 152 -16.73 21.62 1.05
N LEU C 153 -16.31 21.77 -0.22
CA LEU C 153 -14.90 22.13 -0.52
C LEU C 153 -14.59 23.56 -0.11
N LYS C 154 -15.49 24.47 -0.46
CA LYS C 154 -15.43 25.86 -0.02
C LYS C 154 -15.33 25.96 1.51
N LEU C 155 -16.23 25.27 2.20
CA LEU C 155 -16.25 25.22 3.67
C LEU C 155 -14.97 24.64 4.28
N ALA C 156 -14.37 23.67 3.60
CA ALA C 156 -13.14 23.03 4.06
C ALA C 156 -11.93 23.92 3.86
N LYS C 157 -11.96 24.68 2.75
CA LYS C 157 -10.87 25.60 2.43
C LYS C 157 -10.84 26.76 3.43
N GLU C 158 -12.02 27.16 3.89
CA GLU C 158 -12.21 28.25 4.86
C GLU C 158 -11.81 27.87 6.30
N ALA C 159 -12.15 26.64 6.71
CA ALA C 159 -11.66 26.12 7.99
C ALA C 159 -10.13 26.25 8.11
N ASN C 160 -9.44 26.11 6.98
CA ASN C 160 -7.99 26.33 6.89
C ASN C 160 -7.60 27.80 6.97
N THR D 1 -15.64 7.26 1.40
CA THR D 1 -15.27 5.86 1.21
C THR D 1 -16.49 4.91 1.32
N VAL D 2 -16.50 3.88 0.47
CA VAL D 2 -17.52 2.82 0.54
C VAL D 2 -16.84 1.48 0.42
N GLY D 3 -17.48 0.43 0.91
CA GLY D 3 -16.85 -0.86 0.84
C GLY D 3 -17.86 -1.97 1.05
N CYS D 4 -17.45 -3.15 0.60
CA CYS D 4 -18.24 -4.33 0.84
C CYS D 4 -17.32 -5.50 1.13
N VAL D 5 -17.66 -6.29 2.15
CA VAL D 5 -16.97 -7.57 2.41
C VAL D 5 -18.00 -8.72 2.32
N VAL D 6 -17.60 -9.86 1.78
CA VAL D 6 -18.50 -10.98 1.56
C VAL D 6 -17.80 -12.34 1.77
N VAL D 7 -18.43 -13.24 2.52
CA VAL D 7 -18.10 -14.67 2.43
C VAL D 7 -19.29 -15.41 1.83
N ASP D 8 -19.03 -16.21 0.78
CA ASP D 8 -20.12 -16.95 0.16
C ASP D 8 -20.36 -18.30 0.81
N ARG D 9 -21.12 -19.16 0.16
CA ARG D 9 -21.45 -20.47 0.74
C ARG D 9 -20.25 -21.41 0.70
N GLU D 10 -19.35 -21.17 -0.27
CA GLU D 10 -18.15 -21.98 -0.39
C GLU D 10 -17.12 -21.67 0.70
N GLY D 11 -17.32 -20.61 1.48
CA GLY D 11 -16.38 -20.24 2.54
C GLY D 11 -15.27 -19.29 2.05
N ARG D 12 -15.47 -18.77 0.83
CA ARG D 12 -14.54 -17.89 0.17
C ARG D 12 -14.79 -16.46 0.62
N CYS D 13 -13.71 -15.74 0.95
CA CYS D 13 -13.81 -14.34 1.34
C CYS D 13 -13.32 -13.37 0.27
N ALA D 14 -13.91 -12.18 0.22
CA ALA D 14 -13.49 -11.13 -0.69
C ALA D 14 -13.86 -9.78 -0.10
N ALA D 15 -13.23 -8.72 -0.63
CA ALA D 15 -13.39 -7.39 -0.07
C ALA D 15 -13.17 -6.32 -1.12
N ALA D 16 -13.89 -5.21 -1.03
CA ALA D 16 -13.69 -4.14 -1.98
C ALA D 16 -13.88 -2.83 -1.27
N THR D 17 -13.05 -1.84 -1.65
CA THR D 17 -13.11 -0.50 -1.07
C THR D 17 -12.93 0.53 -2.19
N SER D 18 -13.72 1.60 -2.17
CA SER D 18 -13.62 2.59 -3.24
C SER D 18 -13.91 3.96 -2.67
N THR D 19 -13.25 5.00 -3.17
CA THR D 19 -13.39 6.34 -2.59
C THR D 19 -13.03 7.49 -3.54
N GLY D 20 -13.41 8.69 -3.13
CA GLY D 20 -12.95 9.88 -3.82
C GLY D 20 -11.84 10.48 -2.98
N GLY D 21 -11.54 9.85 -1.85
CA GLY D 21 -10.52 10.34 -0.96
C GLY D 21 -10.95 11.51 -0.11
N LEU D 22 -9.97 12.24 0.40
CA LEU D 22 -10.16 13.15 1.51
C LEU D 22 -10.44 14.58 0.99
N MET D 23 -11.53 15.22 1.44
CA MET D 23 -11.90 16.52 0.88
C MET D 23 -10.72 17.48 0.95
N ASN D 24 -10.50 18.20 -0.15
CA ASN D 24 -9.42 19.19 -0.18
C ASN D 24 -8.03 18.53 -0.10
N LYS D 25 -7.92 17.24 -0.46
CA LYS D 25 -6.60 16.59 -0.50
C LYS D 25 -5.75 17.25 -1.60
N MET D 26 -4.42 17.21 -1.43
CA MET D 26 -3.50 17.75 -2.43
C MET D 26 -3.67 16.93 -3.69
N THR D 27 -3.37 17.52 -4.85
CA THR D 27 -3.43 16.76 -6.11
C THR D 27 -2.49 15.55 -6.05
N GLY D 28 -2.99 14.40 -6.47
CA GLY D 28 -2.17 13.20 -6.51
C GLY D 28 -2.01 12.48 -5.17
N ARG D 29 -2.68 12.93 -4.10
CA ARG D 29 -2.61 12.23 -2.81
C ARG D 29 -3.29 10.88 -2.93
N ILE D 30 -2.67 9.87 -2.33
CA ILE D 30 -3.25 8.54 -2.29
C ILE D 30 -3.46 8.19 -0.82
N GLY D 31 -4.66 7.69 -0.52
CA GLY D 31 -5.04 7.30 0.82
C GLY D 31 -4.89 5.81 1.05
N ASP D 32 -5.59 5.30 2.06
CA ASP D 32 -5.47 3.89 2.46
C ASP D 32 -6.31 3.00 1.58
N SER D 33 -7.37 3.55 1.01
CA SER D 33 -8.35 2.74 0.26
C SER D 33 -7.79 1.85 -0.85
N PRO D 34 -6.77 2.33 -1.62
CA PRO D 34 -6.34 1.41 -2.67
C PRO D 34 -5.15 0.59 -2.19
N LEU D 35 -4.86 0.64 -0.90
CA LEU D 35 -3.69 -0.07 -0.39
C LEU D 35 -4.01 -1.40 0.29
N ILE D 36 -3.74 -2.47 -0.45
CA ILE D 36 -3.85 -3.84 0.02
C ILE D 36 -3.16 -3.99 1.35
N GLY D 37 -3.95 -4.22 2.40
CA GLY D 37 -3.36 -4.41 3.71
C GLY D 37 -3.74 -3.26 4.60
N ALA D 38 -3.99 -2.10 3.99
CA ALA D 38 -4.49 -0.95 4.76
C ALA D 38 -6.00 -0.89 4.69
N GLY D 39 -6.52 -0.42 3.55
CA GLY D 39 -7.95 -0.27 3.38
C GLY D 39 -8.70 -1.56 3.03
N THR D 40 -8.03 -2.48 2.35
CA THR D 40 -8.65 -3.72 1.89
C THR D 40 -7.76 -4.92 2.14
N TYR D 41 -8.33 -6.03 2.59
CA TYR D 41 -7.58 -7.31 2.61
C TYR D 41 -8.54 -8.49 2.66
N ALA D 42 -8.24 -9.53 1.89
CA ALA D 42 -8.97 -10.80 2.02
C ALA D 42 -8.05 -12.01 1.87
N CYS D 43 -8.26 -13.01 2.72
CA CYS D 43 -7.44 -14.22 2.68
C CYS D 43 -8.30 -15.45 2.93
N ASP D 44 -7.66 -16.54 3.34
CA ASP D 44 -8.34 -17.81 3.57
C ASP D 44 -9.37 -17.66 4.67
N VAL D 45 -9.04 -16.87 5.68
CA VAL D 45 -9.90 -16.80 6.85
C VAL D 45 -10.76 -15.54 6.98
N CYS D 46 -10.50 -14.52 6.16
CA CYS D 46 -11.31 -13.32 6.30
C CYS D 46 -11.31 -12.39 5.10
N GLY D 47 -12.13 -11.35 5.18
CA GLY D 47 -12.26 -10.30 4.17
C GLY D 47 -12.51 -9.03 4.98
N VAL D 48 -11.76 -7.95 4.73
CA VAL D 48 -11.85 -6.74 5.55
C VAL D 48 -11.90 -5.50 4.66
N SER D 49 -12.63 -4.45 5.10
CA SER D 49 -12.59 -3.16 4.42
C SER D 49 -12.63 -2.01 5.42
N CYS D 50 -11.65 -1.12 5.35
CA CYS D 50 -11.54 -0.05 6.34
C CYS D 50 -11.97 1.33 5.79
N THR D 51 -12.34 2.22 6.70
CA THR D 51 -12.68 3.59 6.34
C THR D 51 -12.33 4.45 7.54
N GLY D 52 -11.99 5.71 7.28
CA GLY D 52 -11.66 6.62 8.34
C GLY D 52 -10.41 7.39 7.94
N GLU D 53 -9.58 7.73 8.93
CA GLU D 53 -8.39 8.54 8.68
C GLU D 53 -7.31 7.72 7.97
N GLY D 54 -7.15 7.98 6.68
CA GLY D 54 -6.24 7.22 5.82
C GLY D 54 -4.88 6.96 6.43
N GLU D 55 -4.25 8.04 6.87
CA GLU D 55 -2.94 8.00 7.49
C GLU D 55 -2.87 7.03 8.70
N ALA D 56 -3.88 7.05 9.57
CA ALA D 56 -3.96 6.07 10.67
C ALA D 56 -4.09 4.62 10.20
N ILE D 57 -4.92 4.39 9.18
CA ILE D 57 -5.20 3.04 8.68
C ILE D 57 -3.98 2.52 7.98
N ILE D 58 -3.32 3.41 7.23
CA ILE D 58 -2.06 3.10 6.55
C ILE D 58 -0.91 2.69 7.52
N ARG D 59 -0.58 3.54 8.50
CA ARG D 59 0.49 3.24 9.49
C ARG D 59 0.06 2.06 10.33
N GLY D 60 -1.26 1.90 10.42
CA GLY D 60 -1.85 0.82 11.19
C GLY D 60 -1.95 -0.49 10.45
N THR D 61 -1.77 -0.48 9.14
CA THR D 61 -1.96 -1.68 8.32
C THR D 61 -3.28 -2.45 8.69
N LEU D 62 -4.33 -1.67 8.93
CA LEU D 62 -5.52 -2.15 9.58
C LEU D 62 -6.16 -3.41 9.06
N ALA D 63 -6.38 -3.48 7.74
CA ALA D 63 -7.14 -4.60 7.20
C ALA D 63 -6.34 -5.87 7.33
N ARG D 64 -5.02 -5.79 7.15
CA ARG D 64 -4.21 -7.00 7.29
C ARG D 64 -4.18 -7.46 8.75
N GLU D 65 -4.25 -6.52 9.68
CA GLU D 65 -4.18 -6.86 11.11
C GLU D 65 -5.31 -7.73 11.60
N VAL D 66 -6.53 -7.43 11.14
CA VAL D 66 -7.66 -8.27 11.47
C VAL D 66 -7.35 -9.73 11.13
N ALA D 67 -6.84 -9.98 9.91
CA ALA D 67 -6.45 -11.35 9.51
C ALA D 67 -5.30 -11.92 10.35
N ALA D 68 -4.27 -11.10 10.57
CA ALA D 68 -3.08 -11.53 11.29
C ALA D 68 -3.41 -12.02 12.70
N VAL D 69 -4.16 -11.22 13.47
CA VAL D 69 -4.47 -11.60 14.85
C VAL D 69 -5.37 -12.82 14.89
N MET D 70 -5.97 -13.15 13.75
CA MET D 70 -6.72 -14.39 13.61
C MET D 70 -5.76 -15.55 13.31
N GLU D 71 -4.99 -15.43 12.24
CA GLU D 71 -4.07 -16.49 11.84
C GLU D 71 -2.93 -16.72 12.81
N TYR D 72 -2.53 -15.71 13.61
CA TYR D 72 -1.39 -15.84 14.55
C TYR D 72 -1.75 -15.85 16.05
N LYS D 73 -2.85 -15.20 16.44
CA LYS D 73 -3.31 -15.24 17.84
C LYS D 73 -4.50 -16.18 18.02
N GLY D 74 -4.90 -16.85 16.96
CA GLY D 74 -6.01 -17.81 17.00
C GLY D 74 -7.38 -17.22 17.31
N LEU D 75 -7.42 -15.92 17.56
CA LEU D 75 -8.67 -15.18 17.85
C LEU D 75 -9.74 -15.42 16.80
N LYS D 76 -11.00 -15.43 17.24
CA LYS D 76 -12.16 -15.54 16.36
C LYS D 76 -12.53 -14.14 15.84
N LEU D 77 -13.28 -14.10 14.73
CA LEU D 77 -13.47 -12.87 13.93
C LEU D 77 -13.89 -11.64 14.73
N HIS D 78 -14.89 -11.82 15.60
CA HIS D 78 -15.36 -10.73 16.45
C HIS D 78 -14.28 -10.22 17.41
N GLN D 79 -13.56 -11.12 18.08
CA GLN D 79 -12.47 -10.71 18.95
C GLN D 79 -11.42 -9.91 18.17
N ALA D 80 -10.99 -10.46 17.04
CA ALA D 80 -10.03 -9.80 16.14
C ALA D 80 -10.38 -8.33 15.87
N VAL D 81 -11.60 -8.08 15.42
CA VAL D 81 -12.02 -6.72 15.06
C VAL D 81 -11.96 -5.74 16.25
N ASP D 82 -12.42 -6.19 17.41
CA ASP D 82 -12.36 -5.38 18.61
C ASP D 82 -10.92 -5.14 19.01
N PHE D 83 -10.12 -6.19 18.85
CA PHE D 83 -8.70 -6.11 19.15
C PHE D 83 -7.99 -5.06 18.28
N VAL D 84 -8.16 -5.18 16.96
CA VAL D 84 -7.54 -4.24 16.04
C VAL D 84 -8.07 -2.82 16.24
N ILE D 85 -9.37 -2.70 16.50
CA ILE D 85 -9.95 -1.37 16.70
C ILE D 85 -9.44 -0.69 17.97
N LYS D 86 -9.61 -1.35 19.12
CA LYS D 86 -9.27 -0.73 20.40
C LYS D 86 -7.77 -0.70 20.65
N HIS D 87 -7.06 -1.71 20.14
CA HIS D 87 -5.66 -1.90 20.50
C HIS D 87 -4.74 -1.86 19.30
N ARG D 88 -5.04 -0.98 18.35
CA ARG D 88 -4.16 -0.81 17.20
C ARG D 88 -4.42 0.48 16.43
N LEU D 89 -5.23 1.36 17.01
CA LEU D 89 -5.58 2.59 16.34
C LEU D 89 -4.74 3.81 16.73
N ASP D 90 -4.49 3.96 18.03
CA ASP D 90 -3.68 5.06 18.56
C ASP D 90 -4.13 6.45 18.11
N GLU D 91 -5.13 6.99 18.80
CA GLU D 91 -5.58 8.37 18.62
C GLU D 91 -6.24 8.64 17.26
N GLY D 92 -5.92 7.82 16.26
CA GLY D 92 -6.54 7.90 14.95
C GLY D 92 -7.94 7.32 14.94
N LYS D 93 -8.83 7.96 14.20
CA LYS D 93 -10.23 7.52 14.09
C LYS D 93 -10.49 6.71 12.81
N ALA D 94 -10.88 5.45 12.96
CA ALA D 94 -11.21 4.64 11.80
C ALA D 94 -12.25 3.56 12.13
N GLY D 95 -12.95 3.08 11.11
CA GLY D 95 -13.79 1.91 11.24
C GLY D 95 -13.48 0.87 10.19
N LEU D 96 -13.96 -0.35 10.41
CA LEU D 96 -13.90 -1.40 9.40
C LEU D 96 -15.10 -2.36 9.45
N ILE D 97 -15.26 -3.15 8.40
CA ILE D 97 -16.26 -4.20 8.36
C ILE D 97 -15.50 -5.44 7.94
N ALA D 98 -15.98 -6.59 8.38
CA ALA D 98 -15.22 -7.81 8.12
C ALA D 98 -16.12 -9.01 8.09
N VAL D 99 -15.65 -10.03 7.40
CA VAL D 99 -16.36 -11.28 7.27
C VAL D 99 -15.36 -12.42 7.58
N SER D 100 -15.83 -13.50 8.22
CA SER D 100 -14.97 -14.69 8.44
C SER D 100 -15.32 -15.85 7.50
N ASN D 101 -14.43 -16.82 7.35
CA ASN D 101 -14.68 -17.95 6.45
C ASN D 101 -15.67 -18.94 7.04
N THR D 102 -15.98 -18.75 8.33
CA THR D 102 -16.91 -19.61 9.06
C THR D 102 -18.37 -19.14 8.93
N GLY D 103 -18.59 -18.04 8.20
CA GLY D 103 -19.91 -17.47 8.00
C GLY D 103 -20.30 -16.34 8.95
N GLU D 104 -19.31 -15.80 9.69
CA GLU D 104 -19.57 -14.74 10.67
C GLU D 104 -19.39 -13.34 10.06
N VAL D 105 -19.93 -12.32 10.73
CA VAL D 105 -19.90 -10.94 10.21
C VAL D 105 -19.69 -9.93 11.35
N ALA D 106 -19.00 -8.83 11.07
CA ALA D 106 -18.57 -7.92 12.13
C ALA D 106 -18.23 -6.54 11.60
N CYS D 107 -18.62 -5.53 12.37
CA CYS D 107 -18.32 -4.13 12.06
C CYS D 107 -17.56 -3.60 13.26
N GLY D 108 -16.99 -2.41 13.18
CA GLY D 108 -16.23 -1.90 14.30
C GLY D 108 -15.54 -0.58 14.03
N PHE D 109 -15.63 0.34 14.98
CA PHE D 109 -15.12 1.70 14.77
C PHE D 109 -14.93 2.46 16.08
N ASN D 110 -14.20 3.57 16.00
CA ASN D 110 -13.94 4.38 17.18
C ASN D 110 -14.38 5.85 17.03
N CYS D 111 -14.99 6.18 15.89
CA CYS D 111 -15.46 7.55 15.66
C CYS D 111 -16.93 7.70 16.03
N ASN D 112 -17.50 8.86 15.72
CA ASN D 112 -18.87 9.18 16.13
C ASN D 112 -19.94 8.28 15.49
N GLY D 113 -19.63 7.73 14.32
CA GLY D 113 -20.56 6.89 13.59
C GLY D 113 -19.97 6.24 12.34
N MET D 114 -20.62 5.17 11.87
CA MET D 114 -20.22 4.49 10.64
C MET D 114 -21.44 3.97 9.86
N PHE D 115 -21.67 4.53 8.68
CA PHE D 115 -22.73 4.03 7.79
C PHE D 115 -22.40 2.60 7.43
N ARG D 116 -23.32 1.68 7.68
CA ARG D 116 -23.00 0.27 7.51
C ARG D 116 -24.24 -0.61 7.49
N ALA D 117 -24.09 -1.81 6.97
CA ALA D 117 -25.17 -2.78 6.97
C ALA D 117 -24.56 -4.17 6.91
N CYS D 118 -25.13 -5.13 7.62
CA CYS D 118 -24.65 -6.50 7.51
C CYS D 118 -25.80 -7.51 7.58
N ALA D 119 -25.63 -8.64 6.90
CA ALA D 119 -26.63 -9.74 6.89
C ALA D 119 -25.93 -11.10 6.92
N THR D 120 -26.64 -12.15 7.36
CA THR D 120 -25.99 -13.44 7.60
C THR D 120 -26.75 -14.70 7.24
N GLU D 121 -27.72 -14.62 6.33
CA GLU D 121 -28.46 -15.82 5.93
C GLU D 121 -29.28 -16.42 7.07
N ASP D 122 -28.99 -16.02 8.30
CA ASP D 122 -29.78 -16.44 9.45
C ASP D 122 -31.05 -15.62 9.44
N GLY D 123 -31.10 -14.68 8.49
CA GLY D 123 -32.16 -13.69 8.47
C GLY D 123 -31.72 -12.52 9.33
N PHE D 124 -30.58 -12.68 9.99
CA PHE D 124 -29.95 -11.54 10.62
C PHE D 124 -29.62 -10.53 9.53
N MET D 125 -29.99 -9.28 9.83
CA MET D 125 -29.85 -8.09 8.98
C MET D 125 -29.92 -6.88 9.92
N GLU D 126 -29.10 -5.87 9.67
CA GLU D 126 -29.20 -4.59 10.37
C GLU D 126 -28.45 -3.51 9.61
N VAL D 127 -28.93 -2.28 9.76
CA VAL D 127 -28.39 -1.13 9.05
C VAL D 127 -28.41 0.03 10.04
N ALA D 128 -27.25 0.65 10.23
CA ALA D 128 -27.07 1.67 11.25
C ALA D 128 -26.16 2.81 10.81
N ILE D 129 -26.07 3.81 11.68
CA ILE D 129 -25.19 4.94 11.47
C ILE D 129 -24.43 5.19 12.77
N TRP D 130 -25.15 5.27 13.88
CA TRP D 130 -24.53 5.60 15.17
C TRP D 130 -24.26 4.36 16.03
N ASP D 131 -24.93 4.27 17.19
CA ASP D 131 -24.72 3.19 18.18
C ASP D 131 -23.36 3.27 18.86
#